data_8AHK
#
_entry.id   8AHK
#
_entity_poly.entity_id   1
_entity_poly.type   'polypeptide(L)'
_entity_poly.pdbx_seq_one_letter_code
;ASCPNVGAVCSPFETKPCGNVKDCRCLPWGLFFGTCINPTG
;
_entity_poly.pdbx_strand_id   A
#
# COMPACT_ATOMS: atom_id res chain seq x y z
N ALA A 1 -1.83 7.30 7.54
CA ALA A 1 -2.95 7.43 6.58
C ALA A 1 -2.50 8.20 5.34
N SER A 2 -2.01 9.41 5.53
CA SER A 2 -1.53 10.22 4.43
C SER A 2 -0.13 9.76 3.99
N CYS A 3 -0.05 8.52 3.52
CA CYS A 3 1.20 7.93 3.11
C CYS A 3 1.56 8.35 1.67
N PRO A 4 2.87 8.29 1.34
CA PRO A 4 3.41 8.74 0.04
C PRO A 4 2.69 8.19 -1.18
N ASN A 5 1.95 7.11 -1.01
CA ASN A 5 1.41 6.39 -2.14
C ASN A 5 -0.08 6.07 -1.98
N VAL A 6 -0.87 7.02 -1.47
CA VAL A 6 -2.30 6.74 -1.31
C VAL A 6 -2.95 6.57 -2.68
N GLY A 7 -3.43 5.36 -2.94
CA GLY A 7 -4.01 5.04 -4.22
C GLY A 7 -2.96 4.70 -5.24
N ALA A 8 -1.74 4.47 -4.76
CA ALA A 8 -0.61 4.15 -5.62
C ALA A 8 -0.35 2.65 -5.57
N VAL A 9 -0.13 2.06 -6.73
CA VAL A 9 0.05 0.62 -6.83
C VAL A 9 1.27 0.13 -6.07
N CYS A 10 1.02 -0.79 -5.16
CA CYS A 10 2.07 -1.51 -4.47
C CYS A 10 1.99 -2.97 -4.87
N SER A 11 2.84 -3.78 -4.30
CA SER A 11 2.76 -5.22 -4.49
C SER A 11 3.30 -5.86 -3.24
N PRO A 12 2.56 -6.81 -2.65
CA PRO A 12 3.04 -7.50 -1.46
C PRO A 12 4.34 -8.26 -1.74
N PHE A 13 4.70 -8.34 -3.02
CA PHE A 13 5.93 -9.01 -3.43
C PHE A 13 7.09 -8.02 -3.49
N GLU A 14 6.82 -6.76 -3.18
CA GLU A 14 7.87 -5.75 -3.14
C GLU A 14 8.69 -5.89 -1.87
N THR A 15 9.31 -4.82 -1.44
CA THR A 15 10.20 -4.88 -0.28
C THR A 15 9.55 -4.27 0.96
N LYS A 16 9.01 -3.08 0.79
CA LYS A 16 8.41 -2.32 1.88
C LYS A 16 6.97 -1.87 1.56
N PRO A 17 6.10 -2.74 0.98
CA PRO A 17 4.78 -2.31 0.49
C PRO A 17 4.01 -1.54 1.54
N CYS A 18 3.93 -0.22 1.32
CA CYS A 18 3.25 0.69 2.25
C CYS A 18 3.74 0.47 3.69
N GLY A 19 4.99 0.04 3.81
CA GLY A 19 5.52 -0.42 5.07
C GLY A 19 5.98 0.69 5.98
N ASN A 20 7.30 0.84 6.08
CA ASN A 20 7.91 1.84 6.95
C ASN A 20 7.63 3.25 6.45
N VAL A 21 6.42 3.71 6.70
CA VAL A 21 5.99 5.05 6.33
C VAL A 21 5.08 5.59 7.42
N LYS A 22 4.50 6.76 7.18
CA LYS A 22 3.56 7.36 8.11
C LYS A 22 2.18 6.69 8.03
N ASP A 23 2.17 5.38 8.33
CA ASP A 23 0.93 4.58 8.37
C ASP A 23 0.29 4.42 6.99
N CYS A 24 0.36 3.20 6.44
CA CYS A 24 -0.16 2.91 5.12
C CYS A 24 -0.42 1.41 4.99
N ARG A 25 -1.27 1.01 4.06
CA ARG A 25 -1.59 -0.40 3.88
C ARG A 25 -1.53 -0.80 2.41
N CYS A 26 -0.92 -1.94 2.12
CA CYS A 26 -0.89 -2.45 0.76
C CYS A 26 -2.09 -3.36 0.55
N LEU A 27 -3.12 -2.84 -0.10
CA LEU A 27 -4.28 -3.63 -0.45
C LEU A 27 -3.93 -4.45 -1.69
N PRO A 28 -3.72 -5.76 -1.53
CA PRO A 28 -3.28 -6.62 -2.63
C PRO A 28 -4.42 -7.00 -3.57
N TRP A 29 -4.88 -6.02 -4.34
CA TRP A 29 -5.90 -6.26 -5.35
C TRP A 29 -5.25 -6.61 -6.68
N GLY A 30 -6.08 -7.05 -7.62
CA GLY A 30 -5.58 -7.48 -8.89
C GLY A 30 -5.16 -8.92 -8.85
N LEU A 31 -4.00 -9.24 -9.40
CA LEU A 31 -3.54 -10.62 -9.38
C LEU A 31 -2.27 -10.73 -8.56
N PHE A 32 -1.35 -9.80 -8.78
CA PHE A 32 -0.02 -9.89 -8.18
C PHE A 32 0.35 -8.65 -7.36
N PHE A 33 -0.52 -7.67 -7.25
CA PHE A 33 -0.10 -6.42 -6.64
C PHE A 33 -1.21 -5.84 -5.79
N GLY A 34 -1.28 -4.52 -5.77
CA GLY A 34 -2.30 -3.83 -5.04
C GLY A 34 -2.08 -2.34 -5.04
N THR A 35 -2.54 -1.68 -4.00
CA THR A 35 -2.35 -0.23 -3.87
C THR A 35 -2.13 0.17 -2.42
N CYS A 36 -1.25 1.13 -2.20
CA CYS A 36 -1.09 1.75 -0.90
C CYS A 36 -2.34 2.56 -0.61
N ILE A 37 -3.08 2.11 0.39
CA ILE A 37 -4.36 2.70 0.71
C ILE A 37 -4.35 3.28 2.12
N ASN A 38 -5.45 3.89 2.46
CA ASN A 38 -5.66 4.43 3.79
C ASN A 38 -6.15 3.33 4.71
N PRO A 39 -5.39 3.03 5.78
CA PRO A 39 -5.74 1.96 6.72
C PRO A 39 -7.15 2.11 7.27
N THR A 40 -7.97 1.10 7.01
CA THR A 40 -9.38 1.07 7.43
C THR A 40 -10.15 2.31 6.99
N GLY A 41 -9.61 3.04 6.02
CA GLY A 41 -10.26 4.22 5.51
C GLY A 41 -10.88 3.99 4.16
N ALA A 1 -3.04 7.61 8.68
CA ALA A 1 -3.24 7.40 7.23
C ALA A 1 -2.78 8.61 6.44
N SER A 2 -1.47 8.82 6.40
CA SER A 2 -0.91 9.98 5.73
C SER A 2 0.36 9.61 4.99
N CYS A 3 0.33 8.47 4.29
CA CYS A 3 1.47 8.02 3.53
C CYS A 3 1.57 8.78 2.21
N PRO A 4 2.80 8.93 1.67
CA PRO A 4 3.07 9.72 0.46
C PRO A 4 2.08 9.46 -0.67
N ASN A 5 2.00 8.22 -1.09
CA ASN A 5 1.23 7.86 -2.28
C ASN A 5 0.00 7.03 -1.93
N VAL A 6 -1.12 7.71 -1.69
CA VAL A 6 -2.38 7.03 -1.46
C VAL A 6 -3.02 6.66 -2.80
N GLY A 7 -3.38 5.39 -2.94
CA GLY A 7 -3.96 4.91 -4.19
C GLY A 7 -2.90 4.49 -5.18
N ALA A 8 -1.68 4.31 -4.68
CA ALA A 8 -0.54 4.00 -5.54
C ALA A 8 -0.24 2.51 -5.54
N VAL A 9 -0.12 1.93 -6.72
CA VAL A 9 0.08 0.49 -6.87
C VAL A 9 1.33 0.00 -6.13
N CYS A 10 1.10 -0.96 -5.26
CA CYS A 10 2.16 -1.65 -4.55
C CYS A 10 2.03 -3.13 -4.85
N SER A 11 3.08 -3.89 -4.68
CA SER A 11 3.00 -5.33 -4.77
C SER A 11 3.42 -5.92 -3.43
N PRO A 12 2.61 -6.80 -2.83
CA PRO A 12 2.98 -7.44 -1.57
C PRO A 12 4.22 -8.31 -1.72
N PHE A 13 4.69 -8.46 -2.96
CA PHE A 13 5.90 -9.21 -3.26
C PHE A 13 7.14 -8.31 -3.20
N GLU A 14 6.93 -7.01 -2.99
CA GLU A 14 8.04 -6.07 -2.91
C GLU A 14 8.74 -6.16 -1.55
N THR A 15 9.42 -5.10 -1.18
CA THR A 15 10.21 -5.10 0.03
C THR A 15 9.59 -4.20 1.10
N LYS A 16 9.17 -3.03 0.68
CA LYS A 16 8.64 -2.01 1.60
C LYS A 16 7.21 -1.59 1.26
N PRO A 17 6.29 -2.52 0.89
CA PRO A 17 4.95 -2.14 0.41
C PRO A 17 4.21 -1.29 1.42
N CYS A 18 4.12 0.00 1.09
CA CYS A 18 3.46 0.98 1.96
C CYS A 18 4.03 0.92 3.39
N GLY A 19 5.28 0.48 3.49
CA GLY A 19 5.87 0.25 4.80
C GLY A 19 6.77 1.37 5.24
N ASN A 20 6.89 1.51 6.57
CA ASN A 20 7.68 2.54 7.22
C ASN A 20 7.26 3.92 6.73
N VAL A 21 6.08 4.32 7.18
CA VAL A 21 5.45 5.56 6.75
C VAL A 21 4.42 5.97 7.79
N LYS A 22 3.62 6.97 7.47
CA LYS A 22 2.53 7.41 8.33
C LYS A 22 1.35 6.44 8.19
N ASP A 23 1.56 5.21 8.67
CA ASP A 23 0.58 4.10 8.62
C ASP A 23 -0.12 3.98 7.26
N CYS A 24 0.37 3.02 6.47
CA CYS A 24 -0.14 2.79 5.13
C CYS A 24 -0.32 1.30 4.90
N ARG A 25 -1.29 0.93 4.09
CA ARG A 25 -1.60 -0.47 3.86
C ARG A 25 -1.53 -0.82 2.40
N CYS A 26 -0.87 -1.91 2.06
CA CYS A 26 -0.91 -2.39 0.70
C CYS A 26 -2.10 -3.32 0.52
N LEU A 27 -3.14 -2.81 -0.11
CA LEU A 27 -4.31 -3.62 -0.44
C LEU A 27 -3.96 -4.43 -1.67
N PRO A 28 -3.72 -5.74 -1.51
CA PRO A 28 -3.26 -6.58 -2.61
C PRO A 28 -4.40 -6.99 -3.53
N TRP A 29 -4.91 -6.02 -4.28
CA TRP A 29 -5.94 -6.27 -5.28
C TRP A 29 -5.32 -6.59 -6.63
N GLY A 30 -6.14 -7.06 -7.55
CA GLY A 30 -5.65 -7.38 -8.86
C GLY A 30 -5.21 -8.81 -8.95
N LEU A 31 -3.99 -9.03 -9.44
CA LEU A 31 -3.52 -10.39 -9.61
C LEU A 31 -2.24 -10.64 -8.82
N PHE A 32 -1.32 -9.69 -8.88
CA PHE A 32 -0.03 -9.85 -8.20
C PHE A 32 0.28 -8.68 -7.27
N PHE A 33 -0.58 -7.68 -7.21
CA PHE A 33 -0.17 -6.43 -6.59
C PHE A 33 -1.32 -5.84 -5.80
N GLY A 34 -1.40 -4.52 -5.81
CA GLY A 34 -2.43 -3.82 -5.11
C GLY A 34 -2.15 -2.34 -5.05
N THR A 35 -2.63 -1.66 -4.02
CA THR A 35 -2.38 -0.23 -3.87
C THR A 35 -2.13 0.17 -2.42
N CYS A 36 -1.27 1.15 -2.23
CA CYS A 36 -1.08 1.80 -0.94
C CYS A 36 -2.31 2.60 -0.60
N ILE A 37 -3.09 2.07 0.33
CA ILE A 37 -4.34 2.67 0.72
C ILE A 37 -4.27 3.16 2.15
N ASN A 38 -5.32 3.82 2.54
CA ASN A 38 -5.46 4.31 3.89
C ASN A 38 -6.12 3.24 4.76
N PRO A 39 -5.43 2.82 5.83
CA PRO A 39 -5.88 1.72 6.69
C PRO A 39 -7.34 1.86 7.12
N THR A 40 -8.15 0.88 6.73
CA THR A 40 -9.61 0.87 7.00
C THR A 40 -10.29 2.17 6.58
N GLY A 41 -9.66 2.91 5.68
CA GLY A 41 -10.24 4.12 5.17
C GLY A 41 -10.58 4.01 3.70
N ALA A 1 -1.77 7.38 7.59
CA ALA A 1 -2.60 7.63 6.39
C ALA A 1 -1.83 8.40 5.33
N SER A 2 -0.88 9.21 5.76
CA SER A 2 -0.09 10.03 4.85
C SER A 2 1.04 9.21 4.22
N CYS A 3 0.69 8.46 3.18
CA CYS A 3 1.68 7.67 2.48
C CYS A 3 2.29 8.47 1.35
N PRO A 4 3.55 8.18 0.97
CA PRO A 4 4.20 8.83 -0.16
C PRO A 4 3.29 8.90 -1.38
N ASN A 5 2.69 7.76 -1.68
CA ASN A 5 1.82 7.63 -2.81
C ASN A 5 0.56 6.85 -2.43
N VAL A 6 -0.48 7.58 -2.02
CA VAL A 6 -1.75 6.95 -1.66
C VAL A 6 -2.56 6.66 -2.92
N GLY A 7 -3.15 5.47 -2.96
CA GLY A 7 -3.88 5.03 -4.13
C GLY A 7 -2.93 4.53 -5.19
N ALA A 8 -1.69 4.32 -4.80
CA ALA A 8 -0.65 3.92 -5.74
C ALA A 8 -0.38 2.44 -5.65
N VAL A 9 -0.25 1.80 -6.81
CA VAL A 9 -0.06 0.35 -6.88
C VAL A 9 1.19 -0.10 -6.14
N CYS A 10 0.98 -0.96 -5.15
CA CYS A 10 2.07 -1.58 -4.42
C CYS A 10 1.94 -3.09 -4.59
N SER A 11 3.05 -3.77 -4.81
CA SER A 11 3.02 -5.20 -4.89
C SER A 11 3.50 -5.77 -3.57
N PRO A 12 2.71 -6.65 -2.92
CA PRO A 12 3.12 -7.27 -1.66
C PRO A 12 4.41 -8.09 -1.83
N PHE A 13 4.86 -8.22 -3.08
CA PHE A 13 6.09 -8.92 -3.39
C PHE A 13 7.29 -7.98 -3.39
N GLU A 14 7.06 -6.70 -3.09
CA GLU A 14 8.15 -5.73 -3.04
C GLU A 14 8.94 -5.87 -1.73
N THR A 15 9.37 -4.76 -1.18
CA THR A 15 10.22 -4.78 -0.02
C THR A 15 9.45 -4.40 1.25
N LYS A 16 8.87 -3.21 1.25
CA LYS A 16 8.16 -2.72 2.42
C LYS A 16 6.78 -2.13 2.05
N PRO A 17 6.00 -2.79 1.16
CA PRO A 17 4.75 -2.21 0.58
C PRO A 17 3.87 -1.53 1.62
N CYS A 18 3.85 -0.20 1.58
CA CYS A 18 3.09 0.63 2.52
C CYS A 18 3.32 0.20 3.97
N GLY A 19 4.47 -0.41 4.24
CA GLY A 19 4.71 -0.97 5.56
C GLY A 19 5.51 -0.05 6.43
N ASN A 20 6.76 0.20 6.05
CA ASN A 20 7.59 1.11 6.83
C ASN A 20 7.31 2.52 6.40
N VAL A 21 6.16 3.02 6.83
CA VAL A 21 5.65 4.31 6.39
C VAL A 21 4.76 4.91 7.48
N LYS A 22 4.09 6.00 7.15
CA LYS A 22 3.20 6.68 8.09
C LYS A 22 1.85 5.97 8.17
N ASP A 23 1.88 4.68 8.51
CA ASP A 23 0.67 3.87 8.69
C ASP A 23 -0.16 3.78 7.40
N CYS A 24 0.11 2.75 6.62
CA CYS A 24 -0.52 2.53 5.33
C CYS A 24 -0.81 1.06 5.13
N ARG A 25 -1.64 0.74 4.15
CA ARG A 25 -1.96 -0.65 3.87
C ARG A 25 -1.70 -0.94 2.41
N CYS A 26 -0.96 -2.00 2.13
CA CYS A 26 -0.83 -2.47 0.78
C CYS A 26 -1.97 -3.43 0.50
N LEU A 27 -3.05 -2.91 -0.05
CA LEU A 27 -4.23 -3.72 -0.35
C LEU A 27 -3.93 -4.49 -1.62
N PRO A 28 -3.66 -5.80 -1.50
CA PRO A 28 -3.25 -6.62 -2.63
C PRO A 28 -4.43 -7.00 -3.52
N TRP A 29 -4.92 -6.03 -4.26
CA TRP A 29 -5.96 -6.27 -5.25
C TRP A 29 -5.34 -6.55 -6.61
N GLY A 30 -6.16 -7.00 -7.54
CA GLY A 30 -5.65 -7.33 -8.86
C GLY A 30 -5.21 -8.77 -8.91
N LEU A 31 -4.00 -8.99 -9.41
CA LEU A 31 -3.52 -10.36 -9.56
C LEU A 31 -2.25 -10.59 -8.75
N PHE A 32 -1.31 -9.65 -8.84
CA PHE A 32 -0.03 -9.81 -8.16
C PHE A 32 0.28 -8.65 -7.23
N PHE A 33 -0.58 -7.64 -7.17
CA PHE A 33 -0.19 -6.40 -6.57
C PHE A 33 -1.32 -5.82 -5.75
N GLY A 34 -1.41 -4.51 -5.74
CA GLY A 34 -2.42 -3.83 -4.97
C GLY A 34 -2.17 -2.35 -4.96
N THR A 35 -2.54 -1.68 -3.87
CA THR A 35 -2.35 -0.24 -3.78
C THR A 35 -2.09 0.20 -2.33
N CYS A 36 -1.18 1.16 -2.17
CA CYS A 36 -0.99 1.85 -0.89
C CYS A 36 -2.22 2.67 -0.59
N ILE A 37 -3.05 2.13 0.27
CA ILE A 37 -4.30 2.76 0.62
C ILE A 37 -4.25 3.29 2.05
N ASN A 38 -5.31 3.96 2.42
CA ASN A 38 -5.46 4.48 3.76
C ASN A 38 -6.17 3.46 4.64
N PRO A 39 -5.58 3.13 5.80
CA PRO A 39 -6.14 2.16 6.74
C PRO A 39 -7.62 2.41 7.03
N THR A 40 -8.44 1.40 6.72
CA THR A 40 -9.89 1.46 6.88
C THR A 40 -10.50 2.71 6.23
N GLY A 41 -9.78 3.28 5.27
CA GLY A 41 -10.28 4.44 4.55
C GLY A 41 -11.02 4.04 3.29
N ALA A 1 -2.12 7.52 8.25
CA ALA A 1 -2.80 7.24 6.97
C ALA A 1 -2.49 8.33 5.95
N SER A 2 -1.21 8.53 5.68
CA SER A 2 -0.79 9.53 4.71
C SER A 2 0.55 9.13 4.08
N CYS A 3 0.58 7.98 3.44
CA CYS A 3 1.76 7.52 2.74
C CYS A 3 2.03 8.40 1.53
N PRO A 4 3.29 8.48 1.06
CA PRO A 4 3.68 9.31 -0.08
C PRO A 4 2.68 9.23 -1.23
N ASN A 5 2.31 8.01 -1.57
CA ASN A 5 1.42 7.76 -2.68
C ASN A 5 0.20 6.93 -2.26
N VAL A 6 -0.87 7.60 -1.87
CA VAL A 6 -2.13 6.94 -1.55
C VAL A 6 -2.89 6.62 -2.83
N GLY A 7 -3.35 5.38 -2.96
CA GLY A 7 -4.03 4.95 -4.16
C GLY A 7 -3.03 4.51 -5.22
N ALA A 8 -1.79 4.33 -4.80
CA ALA A 8 -0.72 3.98 -5.72
C ALA A 8 -0.39 2.49 -5.63
N VAL A 9 -0.19 1.87 -6.77
CA VAL A 9 0.03 0.44 -6.86
C VAL A 9 1.26 -0.01 -6.06
N CYS A 10 1.04 -0.98 -5.21
CA CYS A 10 2.08 -1.63 -4.45
C CYS A 10 1.95 -3.13 -4.61
N SER A 11 3.06 -3.84 -4.68
CA SER A 11 3.00 -5.29 -4.77
C SER A 11 3.42 -5.88 -3.44
N PRO A 12 2.61 -6.77 -2.86
CA PRO A 12 2.98 -7.42 -1.60
C PRO A 12 4.21 -8.31 -1.76
N PHE A 13 4.69 -8.41 -3.01
CA PHE A 13 5.91 -9.16 -3.29
C PHE A 13 7.13 -8.25 -3.21
N GLU A 14 6.90 -6.97 -2.93
CA GLU A 14 7.99 -6.01 -2.80
C GLU A 14 8.66 -6.15 -1.44
N THR A 15 9.30 -5.10 -1.00
CA THR A 15 10.10 -5.14 0.19
C THR A 15 9.40 -4.51 1.38
N LYS A 16 8.88 -3.30 1.19
CA LYS A 16 8.25 -2.56 2.26
C LYS A 16 6.87 -1.98 1.85
N PRO A 17 6.01 -2.75 1.14
CA PRO A 17 4.74 -2.23 0.59
C PRO A 17 3.95 -1.43 1.60
N CYS A 18 3.93 -0.11 1.40
CA CYS A 18 3.22 0.81 2.29
C CYS A 18 3.61 0.58 3.76
N GLY A 19 4.83 0.09 3.96
CA GLY A 19 5.26 -0.35 5.27
C GLY A 19 5.71 0.77 6.17
N ASN A 20 7.02 0.94 6.29
CA ASN A 20 7.60 2.00 7.10
C ASN A 20 7.37 3.36 6.47
N VAL A 21 6.14 3.85 6.63
CA VAL A 21 5.73 5.13 6.09
C VAL A 21 4.77 5.76 7.08
N LYS A 22 4.14 6.87 6.67
CA LYS A 22 3.19 7.57 7.52
C LYS A 22 1.87 6.80 7.66
N ASP A 23 1.97 5.54 8.12
CA ASP A 23 0.80 4.68 8.31
C ASP A 23 0.06 4.42 6.99
N CYS A 24 0.29 3.24 6.43
CA CYS A 24 -0.27 2.90 5.13
C CYS A 24 -0.44 1.40 5.01
N ARG A 25 -1.31 0.97 4.10
CA ARG A 25 -1.57 -0.44 3.88
C ARG A 25 -1.47 -0.80 2.41
N CYS A 26 -0.90 -1.95 2.11
CA CYS A 26 -0.87 -2.44 0.74
C CYS A 26 -2.06 -3.36 0.54
N LEU A 27 -3.12 -2.83 -0.09
CA LEU A 27 -4.28 -3.63 -0.42
C LEU A 27 -3.95 -4.43 -1.67
N PRO A 28 -3.69 -5.74 -1.51
CA PRO A 28 -3.23 -6.59 -2.60
C PRO A 28 -4.36 -7.01 -3.54
N TRP A 29 -4.86 -6.05 -4.29
CA TRP A 29 -5.90 -6.32 -5.28
C TRP A 29 -5.27 -6.61 -6.65
N GLY A 30 -6.09 -7.08 -7.57
CA GLY A 30 -5.60 -7.37 -8.89
C GLY A 30 -5.14 -8.79 -9.02
N LEU A 31 -3.93 -8.99 -9.50
CA LEU A 31 -3.42 -10.33 -9.67
C LEU A 31 -2.15 -10.56 -8.86
N PHE A 32 -1.24 -9.60 -8.91
CA PHE A 32 0.04 -9.75 -8.23
C PHE A 32 0.32 -8.59 -7.28
N PHE A 33 -0.54 -7.59 -7.26
CA PHE A 33 -0.14 -6.34 -6.63
C PHE A 33 -1.29 -5.77 -5.83
N GLY A 34 -1.47 -4.46 -5.92
CA GLY A 34 -2.47 -3.79 -5.13
C GLY A 34 -2.20 -2.31 -5.08
N THR A 35 -2.68 -1.65 -4.02
CA THR A 35 -2.45 -0.21 -3.89
C THR A 35 -2.22 0.20 -2.43
N CYS A 36 -1.29 1.14 -2.22
CA CYS A 36 -1.12 1.79 -0.93
C CYS A 36 -2.37 2.58 -0.60
N ILE A 37 -3.11 2.09 0.37
CA ILE A 37 -4.39 2.68 0.74
C ILE A 37 -4.36 3.26 2.14
N ASN A 38 -5.48 3.84 2.51
CA ASN A 38 -5.65 4.43 3.84
C ASN A 38 -6.11 3.36 4.83
N PRO A 39 -5.27 3.05 5.83
CA PRO A 39 -5.59 2.04 6.84
C PRO A 39 -6.91 2.31 7.54
N THR A 40 -7.83 1.35 7.40
CA THR A 40 -9.18 1.45 7.95
C THR A 40 -9.91 2.73 7.54
N GLY A 41 -9.42 3.37 6.48
CA GLY A 41 -10.07 4.56 5.96
C GLY A 41 -9.80 5.78 6.80
N ALA A 1 -1.48 7.52 7.64
CA ALA A 1 -2.26 7.50 6.38
C ALA A 1 -1.67 8.47 5.35
N SER A 2 -0.67 9.26 5.74
CA SER A 2 -0.05 10.22 4.83
C SER A 2 1.00 9.55 3.95
N CYS A 3 0.59 8.52 3.22
CA CYS A 3 1.50 7.75 2.39
C CYS A 3 1.98 8.59 1.21
N PRO A 4 3.23 8.39 0.76
CA PRO A 4 3.79 9.11 -0.39
C PRO A 4 2.81 9.18 -1.54
N ASN A 5 2.31 8.01 -1.89
CA ASN A 5 1.37 7.87 -2.99
C ASN A 5 0.17 7.04 -2.54
N VAL A 6 -0.88 7.70 -2.07
CA VAL A 6 -2.09 7.02 -1.62
C VAL A 6 -2.94 6.63 -2.82
N GLY A 7 -3.40 5.40 -2.82
CA GLY A 7 -4.17 4.87 -3.93
C GLY A 7 -3.26 4.41 -5.05
N ALA A 8 -1.96 4.32 -4.74
CA ALA A 8 -0.97 3.99 -5.75
C ALA A 8 -0.54 2.52 -5.64
N VAL A 9 -0.36 1.89 -6.79
CA VAL A 9 -0.07 0.47 -6.87
C VAL A 9 1.18 0.07 -6.09
N CYS A 10 1.00 -0.90 -5.21
CA CYS A 10 2.09 -1.52 -4.46
C CYS A 10 1.95 -3.03 -4.58
N SER A 11 3.05 -3.72 -4.79
CA SER A 11 3.00 -5.17 -4.85
C SER A 11 3.41 -5.73 -3.51
N PRO A 12 2.61 -6.62 -2.91
CA PRO A 12 2.97 -7.24 -1.64
C PRO A 12 4.20 -8.13 -1.78
N PHE A 13 4.66 -8.29 -3.02
CA PHE A 13 5.85 -9.07 -3.31
C PHE A 13 7.10 -8.19 -3.30
N GLU A 14 6.93 -6.90 -3.03
CA GLU A 14 8.05 -5.98 -2.93
C GLU A 14 8.78 -6.16 -1.60
N THR A 15 9.32 -5.09 -1.07
CA THR A 15 10.12 -5.16 0.14
C THR A 15 9.38 -4.58 1.34
N LYS A 16 8.90 -3.37 1.19
CA LYS A 16 8.24 -2.64 2.27
C LYS A 16 6.87 -2.07 1.89
N PRO A 17 6.02 -2.81 1.12
CA PRO A 17 4.78 -2.26 0.56
C PRO A 17 3.93 -1.52 1.60
N CYS A 18 3.95 -0.20 1.51
CA CYS A 18 3.25 0.68 2.44
C CYS A 18 3.49 0.28 3.90
N GLY A 19 4.64 -0.33 4.18
CA GLY A 19 4.89 -0.88 5.50
C GLY A 19 5.74 0.01 6.36
N ASN A 20 6.99 0.20 5.98
CA ASN A 20 7.88 1.08 6.73
C ASN A 20 7.61 2.50 6.33
N VAL A 21 6.51 3.03 6.82
CA VAL A 21 6.00 4.33 6.43
C VAL A 21 5.14 4.88 7.55
N LYS A 22 4.46 5.98 7.27
CA LYS A 22 3.60 6.62 8.26
C LYS A 22 2.16 6.09 8.16
N ASP A 23 1.96 4.85 8.60
CA ASP A 23 0.63 4.25 8.69
C ASP A 23 -0.04 4.08 7.31
N CYS A 24 0.20 2.93 6.69
CA CYS A 24 -0.32 2.65 5.34
C CYS A 24 -0.58 1.17 5.17
N ARG A 25 -1.41 0.83 4.20
CA ARG A 25 -1.74 -0.56 3.91
C ARG A 25 -1.57 -0.84 2.44
N CYS A 26 -0.95 -1.95 2.11
CA CYS A 26 -0.88 -2.40 0.73
C CYS A 26 -2.04 -3.34 0.48
N LEU A 27 -3.11 -2.81 -0.13
CA LEU A 27 -4.28 -3.63 -0.46
C LEU A 27 -3.95 -4.42 -1.70
N PRO A 28 -3.70 -5.72 -1.55
CA PRO A 28 -3.23 -6.56 -2.65
C PRO A 28 -4.36 -6.99 -3.59
N TRP A 29 -4.88 -6.04 -4.32
CA TRP A 29 -5.92 -6.31 -5.31
C TRP A 29 -5.29 -6.69 -6.66
N GLY A 30 -6.12 -7.18 -7.56
CA GLY A 30 -5.61 -7.62 -8.85
C GLY A 30 -5.15 -9.06 -8.76
N LEU A 31 -3.98 -9.36 -9.31
CA LEU A 31 -3.47 -10.71 -9.27
C LEU A 31 -2.18 -10.76 -8.46
N PHE A 32 -1.29 -9.80 -8.70
CA PHE A 32 0.03 -9.83 -8.10
C PHE A 32 0.37 -8.57 -7.29
N PHE A 33 -0.53 -7.60 -7.23
CA PHE A 33 -0.14 -6.32 -6.63
C PHE A 33 -1.27 -5.75 -5.81
N GLY A 34 -1.35 -4.43 -5.78
CA GLY A 34 -2.37 -3.77 -5.02
C GLY A 34 -2.14 -2.27 -4.99
N THR A 35 -2.52 -1.62 -3.89
CA THR A 35 -2.38 -0.18 -3.78
C THR A 35 -2.12 0.27 -2.34
N CYS A 36 -1.20 1.21 -2.18
CA CYS A 36 -0.99 1.89 -0.89
C CYS A 36 -2.22 2.69 -0.55
N ILE A 37 -3.02 2.14 0.34
CA ILE A 37 -4.29 2.74 0.70
C ILE A 37 -4.25 3.25 2.13
N ASN A 38 -5.34 3.87 2.54
CA ASN A 38 -5.48 4.37 3.89
C ASN A 38 -6.09 3.30 4.79
N PRO A 39 -5.41 2.96 5.90
CA PRO A 39 -5.87 1.92 6.82
C PRO A 39 -7.29 2.18 7.33
N THR A 40 -8.16 1.20 7.09
CA THR A 40 -9.58 1.28 7.46
C THR A 40 -10.27 2.52 6.90
N GLY A 41 -9.65 3.12 5.88
CA GLY A 41 -10.24 4.26 5.22
C GLY A 41 -9.73 5.57 5.77
N ALA A 1 -2.27 6.96 8.07
CA ALA A 1 -2.90 7.64 6.92
C ALA A 1 -1.94 8.65 6.31
N SER A 2 -2.29 9.15 5.13
CA SER A 2 -1.46 10.13 4.42
C SER A 2 -0.12 9.51 4.03
N CYS A 3 -0.15 8.63 3.04
CA CYS A 3 1.05 7.95 2.58
C CYS A 3 1.71 8.77 1.48
N PRO A 4 3.01 8.51 1.19
CA PRO A 4 3.71 9.14 0.07
C PRO A 4 2.88 9.12 -1.20
N ASN A 5 2.39 7.94 -1.52
CA ASN A 5 1.58 7.73 -2.70
C ASN A 5 0.35 6.89 -2.35
N VAL A 6 -0.73 7.56 -1.97
CA VAL A 6 -1.98 6.86 -1.67
C VAL A 6 -2.71 6.54 -2.96
N GLY A 7 -3.27 5.34 -3.03
CA GLY A 7 -3.93 4.89 -4.23
C GLY A 7 -2.93 4.45 -5.27
N ALA A 8 -1.70 4.26 -4.83
CA ALA A 8 -0.62 3.90 -5.74
C ALA A 8 -0.34 2.41 -5.65
N VAL A 9 -0.19 1.79 -6.82
CA VAL A 9 0.00 0.35 -6.89
C VAL A 9 1.25 -0.11 -6.14
N CYS A 10 1.02 -0.97 -5.17
CA CYS A 10 2.09 -1.62 -4.43
C CYS A 10 1.93 -3.12 -4.55
N SER A 11 3.02 -3.83 -4.75
CA SER A 11 2.96 -5.27 -4.79
C SER A 11 3.44 -5.82 -3.46
N PRO A 12 2.66 -6.68 -2.80
CA PRO A 12 3.08 -7.30 -1.55
C PRO A 12 4.35 -8.13 -1.72
N PHE A 13 4.78 -8.30 -2.97
CA PHE A 13 6.01 -9.02 -3.27
C PHE A 13 7.20 -8.06 -3.35
N GLU A 14 6.97 -6.77 -3.12
CA GLU A 14 8.05 -5.79 -3.11
C GLU A 14 8.84 -5.88 -1.81
N THR A 15 9.43 -4.79 -1.38
CA THR A 15 10.27 -4.79 -0.20
C THR A 15 9.60 -4.10 0.97
N LYS A 16 9.07 -2.91 0.72
CA LYS A 16 8.49 -2.08 1.75
C LYS A 16 7.05 -1.63 1.42
N PRO A 17 6.17 -2.50 0.87
CA PRO A 17 4.82 -2.08 0.43
C PRO A 17 4.08 -1.36 1.55
N CYS A 18 3.96 -0.04 1.40
CA CYS A 18 3.38 0.83 2.42
C CYS A 18 3.92 0.45 3.81
N GLY A 19 5.22 0.16 3.86
CA GLY A 19 5.82 -0.41 5.06
C GLY A 19 6.09 0.60 6.14
N ASN A 20 7.36 0.88 6.38
CA ASN A 20 7.76 1.82 7.41
C ASN A 20 7.37 3.26 7.05
N VAL A 21 6.09 3.56 7.21
CA VAL A 21 5.54 4.86 6.90
C VAL A 21 4.42 5.18 7.88
N LYS A 22 3.69 6.26 7.62
CA LYS A 22 2.65 6.75 8.52
C LYS A 22 1.37 5.92 8.43
N ASP A 23 1.44 4.65 8.82
CA ASP A 23 0.26 3.76 8.87
C ASP A 23 -0.41 3.65 7.51
N CYS A 24 0.06 2.71 6.70
CA CYS A 24 -0.46 2.51 5.35
C CYS A 24 -0.65 1.04 5.06
N ARG A 25 -1.59 0.73 4.17
CA ARG A 25 -1.94 -0.64 3.87
C ARG A 25 -1.68 -0.93 2.41
N CYS A 26 -0.98 -2.01 2.13
CA CYS A 26 -0.85 -2.45 0.76
C CYS A 26 -1.99 -3.40 0.46
N LEU A 27 -3.07 -2.87 -0.11
CA LEU A 27 -4.24 -3.68 -0.43
C LEU A 27 -3.92 -4.47 -1.67
N PRO A 28 -3.68 -5.78 -1.53
CA PRO A 28 -3.25 -6.63 -2.63
C PRO A 28 -4.40 -7.01 -3.56
N TRP A 29 -4.90 -6.03 -4.29
CA TRP A 29 -5.94 -6.26 -5.27
C TRP A 29 -5.31 -6.56 -6.64
N GLY A 30 -6.15 -7.00 -7.56
CA GLY A 30 -5.67 -7.31 -8.87
C GLY A 30 -5.24 -8.75 -8.95
N LEU A 31 -4.03 -9.00 -9.43
CA LEU A 31 -3.57 -10.36 -9.59
C LEU A 31 -2.31 -10.61 -8.78
N PHE A 32 -1.35 -9.68 -8.86
CA PHE A 32 -0.07 -9.85 -8.19
C PHE A 32 0.27 -8.67 -7.29
N PHE A 33 -0.57 -7.66 -7.23
CA PHE A 33 -0.16 -6.41 -6.62
C PHE A 33 -1.29 -5.82 -5.81
N GLY A 34 -1.41 -4.51 -5.86
CA GLY A 34 -2.41 -3.82 -5.07
C GLY A 34 -2.17 -2.34 -5.03
N THR A 35 -2.53 -1.69 -3.94
CA THR A 35 -2.35 -0.24 -3.81
C THR A 35 -2.09 0.17 -2.36
N CYS A 36 -1.17 1.12 -2.17
CA CYS A 36 -0.98 1.79 -0.89
C CYS A 36 -2.19 2.63 -0.58
N ILE A 37 -2.96 2.15 0.36
CA ILE A 37 -4.20 2.79 0.75
C ILE A 37 -4.15 3.23 2.19
N ASN A 38 -5.19 3.91 2.60
CA ASN A 38 -5.34 4.37 3.96
C ASN A 38 -6.10 3.33 4.76
N PRO A 39 -5.62 2.97 5.95
CA PRO A 39 -6.29 1.98 6.80
C PRO A 39 -7.75 2.31 7.02
N THR A 40 -8.62 1.43 6.53
CA THR A 40 -10.07 1.61 6.56
C THR A 40 -10.50 3.01 6.09
N GLY A 41 -9.67 3.65 5.28
CA GLY A 41 -9.98 4.99 4.82
C GLY A 41 -9.73 5.17 3.33
N ALA A 1 -2.70 7.14 8.03
CA ALA A 1 -3.34 7.19 6.69
C ALA A 1 -2.70 8.27 5.84
N SER A 2 -1.38 8.19 5.70
CA SER A 2 -0.64 9.17 4.93
C SER A 2 0.63 8.55 4.37
N CYS A 3 0.82 8.64 3.08
CA CYS A 3 1.99 8.06 2.42
C CYS A 3 2.40 8.90 1.23
N PRO A 4 3.66 8.79 0.79
CA PRO A 4 4.16 9.43 -0.42
C PRO A 4 3.16 9.32 -1.56
N ASN A 5 2.67 8.10 -1.76
CA ASN A 5 1.77 7.81 -2.85
C ASN A 5 0.57 7.01 -2.36
N VAL A 6 -0.47 7.72 -1.92
CA VAL A 6 -1.72 7.08 -1.50
C VAL A 6 -2.56 6.72 -2.72
N GLY A 7 -3.07 5.50 -2.75
CA GLY A 7 -3.84 5.04 -3.87
C GLY A 7 -2.94 4.59 -5.00
N ALA A 8 -1.68 4.36 -4.68
CA ALA A 8 -0.69 3.97 -5.67
C ALA A 8 -0.42 2.48 -5.59
N VAL A 9 -0.28 1.85 -6.75
CA VAL A 9 -0.09 0.41 -6.84
C VAL A 9 1.18 -0.04 -6.11
N CYS A 10 0.99 -0.91 -5.14
CA CYS A 10 2.08 -1.55 -4.44
C CYS A 10 1.91 -3.06 -4.56
N SER A 11 3.00 -3.78 -4.71
CA SER A 11 2.92 -5.22 -4.77
C SER A 11 3.41 -5.79 -3.45
N PRO A 12 2.64 -6.67 -2.81
CA PRO A 12 3.08 -7.32 -1.57
C PRO A 12 4.36 -8.14 -1.80
N PHE A 13 4.75 -8.28 -3.07
CA PHE A 13 5.98 -8.98 -3.44
C PHE A 13 7.16 -8.03 -3.50
N GLU A 14 6.94 -6.76 -3.19
CA GLU A 14 8.02 -5.78 -3.18
C GLU A 14 8.86 -5.92 -1.91
N THR A 15 9.41 -4.82 -1.45
CA THR A 15 10.31 -4.84 -0.30
C THR A 15 9.62 -4.31 0.94
N LYS A 16 9.07 -3.12 0.82
CA LYS A 16 8.48 -2.41 1.94
C LYS A 16 7.07 -1.88 1.65
N PRO A 17 6.19 -2.67 0.99
CA PRO A 17 4.85 -2.17 0.55
C PRO A 17 4.11 -1.44 1.67
N CYS A 18 4.02 -0.11 1.50
CA CYS A 18 3.40 0.78 2.49
C CYS A 18 4.01 0.56 3.87
N GLY A 19 5.31 0.32 3.90
CA GLY A 19 6.02 0.06 5.14
C GLY A 19 6.78 1.28 5.61
N ASN A 20 7.06 1.31 6.92
CA ASN A 20 7.67 2.45 7.59
C ASN A 20 7.16 3.78 7.02
N VAL A 21 5.93 4.08 7.40
CA VAL A 21 5.21 5.24 6.89
C VAL A 21 4.19 5.68 7.92
N LYS A 22 3.35 6.60 7.51
CA LYS A 22 2.38 7.20 8.39
C LYS A 22 1.07 6.43 8.33
N ASP A 23 1.14 5.14 8.67
CA ASP A 23 -0.05 4.27 8.71
C ASP A 23 -0.62 4.05 7.31
N CYS A 24 -0.21 2.96 6.66
CA CYS A 24 -0.65 2.63 5.30
C CYS A 24 -0.83 1.14 5.13
N ARG A 25 -1.66 0.76 4.16
CA ARG A 25 -1.94 -0.64 3.89
C ARG A 25 -1.69 -0.94 2.43
N CYS A 26 -0.96 -2.00 2.15
CA CYS A 26 -0.83 -2.46 0.77
C CYS A 26 -1.97 -3.42 0.49
N LEU A 27 -3.06 -2.89 -0.07
CA LEU A 27 -4.23 -3.69 -0.37
C LEU A 27 -3.94 -4.48 -1.64
N PRO A 28 -3.68 -5.78 -1.49
CA PRO A 28 -3.28 -6.63 -2.60
C PRO A 28 -4.43 -7.02 -3.50
N TRP A 29 -4.92 -6.06 -4.27
CA TRP A 29 -5.94 -6.31 -5.26
C TRP A 29 -5.30 -6.57 -6.63
N GLY A 30 -6.09 -7.03 -7.59
CA GLY A 30 -5.56 -7.31 -8.89
C GLY A 30 -5.18 -8.76 -9.02
N LEU A 31 -3.96 -9.01 -9.46
CA LEU A 31 -3.50 -10.38 -9.58
C LEU A 31 -2.26 -10.62 -8.75
N PHE A 32 -1.30 -9.70 -8.84
CA PHE A 32 -0.04 -9.86 -8.14
C PHE A 32 0.28 -8.67 -7.24
N PHE A 33 -0.58 -7.67 -7.19
CA PHE A 33 -0.17 -6.42 -6.58
C PHE A 33 -1.30 -5.84 -5.76
N GLY A 34 -1.41 -4.52 -5.76
CA GLY A 34 -2.42 -3.85 -5.00
C GLY A 34 -2.18 -2.37 -4.98
N THR A 35 -2.54 -1.71 -3.89
CA THR A 35 -2.35 -0.27 -3.76
C THR A 35 -2.08 0.15 -2.32
N CYS A 36 -1.11 1.06 -2.15
CA CYS A 36 -0.88 1.71 -0.86
C CYS A 36 -2.06 2.58 -0.55
N ILE A 37 -2.93 2.06 0.28
CA ILE A 37 -4.15 2.71 0.63
C ILE A 37 -4.11 3.18 2.07
N ASN A 38 -5.14 3.89 2.43
CA ASN A 38 -5.33 4.35 3.79
C ASN A 38 -6.21 3.35 4.51
N PRO A 39 -5.77 2.88 5.70
CA PRO A 39 -6.52 1.88 6.47
C PRO A 39 -7.95 2.32 6.73
N THR A 40 -8.90 1.55 6.20
CA THR A 40 -10.32 1.90 6.20
C THR A 40 -10.56 3.36 5.82
N GLY A 41 -9.65 3.92 5.04
CA GLY A 41 -9.77 5.29 4.60
C GLY A 41 -9.94 5.40 3.11
N ALA A 1 -2.12 7.79 8.73
CA ALA A 1 -2.61 7.99 7.35
C ALA A 1 -1.80 9.07 6.66
N SER A 2 -2.24 9.47 5.46
CA SER A 2 -1.52 10.46 4.65
C SER A 2 -0.11 9.95 4.32
N CYS A 3 -0.04 8.73 3.82
CA CYS A 3 1.23 8.16 3.39
C CYS A 3 1.65 8.76 2.05
N PRO A 4 2.97 8.73 1.76
CA PRO A 4 3.56 9.34 0.55
C PRO A 4 2.72 9.16 -0.70
N ASN A 5 2.32 7.93 -0.95
CA ASN A 5 1.65 7.58 -2.19
C ASN A 5 0.37 6.80 -1.92
N VAL A 6 -0.71 7.52 -1.60
CA VAL A 6 -2.02 6.90 -1.41
C VAL A 6 -2.68 6.66 -2.77
N GLY A 7 -3.20 5.46 -2.96
CA GLY A 7 -3.81 5.10 -4.23
C GLY A 7 -2.76 4.67 -5.23
N ALA A 8 -1.58 4.34 -4.72
CA ALA A 8 -0.45 3.96 -5.56
C ALA A 8 -0.28 2.45 -5.57
N VAL A 9 -0.15 1.88 -6.75
CA VAL A 9 0.00 0.43 -6.89
C VAL A 9 1.23 -0.08 -6.14
N CYS A 10 0.99 -0.97 -5.19
CA CYS A 10 2.05 -1.62 -4.45
C CYS A 10 1.91 -3.12 -4.61
N SER A 11 3.02 -3.81 -4.75
CA SER A 11 2.99 -5.26 -4.83
C SER A 11 3.43 -5.82 -3.51
N PRO A 12 2.63 -6.70 -2.88
CA PRO A 12 3.04 -7.33 -1.62
C PRO A 12 4.29 -8.19 -1.80
N PHE A 13 4.72 -8.34 -3.05
CA PHE A 13 5.94 -9.08 -3.36
C PHE A 13 7.15 -8.16 -3.36
N GLU A 14 6.93 -6.86 -3.11
CA GLU A 14 8.02 -5.90 -3.04
C GLU A 14 8.81 -6.08 -1.74
N THR A 15 9.36 -4.99 -1.23
CA THR A 15 10.17 -5.05 -0.04
C THR A 15 9.47 -4.42 1.16
N LYS A 16 8.96 -3.21 0.95
CA LYS A 16 8.35 -2.44 2.02
C LYS A 16 6.97 -1.89 1.64
N PRO A 17 6.09 -2.69 1.00
CA PRO A 17 4.78 -2.20 0.50
C PRO A 17 4.02 -1.43 1.56
N CYS A 18 4.00 -0.11 1.39
CA CYS A 18 3.31 0.81 2.30
C CYS A 18 3.73 0.54 3.75
N GLY A 19 4.99 0.12 3.93
CA GLY A 19 5.44 -0.36 5.21
C GLY A 19 5.76 0.73 6.23
N ASN A 20 7.05 0.90 6.50
CA ASN A 20 7.50 1.86 7.50
C ASN A 20 7.27 3.31 7.05
N VAL A 21 6.02 3.74 7.19
CA VAL A 21 5.62 5.09 6.86
C VAL A 21 4.63 5.57 7.92
N LYS A 22 4.05 6.74 7.69
CA LYS A 22 3.04 7.30 8.59
C LYS A 22 1.69 6.57 8.42
N ASP A 23 1.72 5.25 8.58
CA ASP A 23 0.55 4.38 8.46
C ASP A 23 0.02 4.33 7.03
N CYS A 24 0.23 3.18 6.40
CA CYS A 24 -0.25 2.94 5.04
C CYS A 24 -0.43 1.45 4.86
N ARG A 25 -1.36 1.05 4.01
CA ARG A 25 -1.65 -0.37 3.81
C ARG A 25 -1.52 -0.75 2.36
N CYS A 26 -0.97 -1.92 2.11
CA CYS A 26 -0.89 -2.43 0.75
C CYS A 26 -2.06 -3.37 0.52
N LEU A 27 -3.12 -2.85 -0.11
CA LEU A 27 -4.29 -3.66 -0.45
C LEU A 27 -3.94 -4.45 -1.70
N PRO A 28 -3.71 -5.76 -1.56
CA PRO A 28 -3.27 -6.61 -2.67
C PRO A 28 -4.42 -7.00 -3.60
N TRP A 29 -4.92 -6.04 -4.35
CA TRP A 29 -5.94 -6.29 -5.34
C TRP A 29 -5.32 -6.69 -6.68
N GLY A 30 -6.14 -7.19 -7.58
CA GLY A 30 -5.65 -7.63 -8.85
C GLY A 30 -5.18 -9.06 -8.78
N LEU A 31 -4.02 -9.35 -9.33
CA LEU A 31 -3.52 -10.71 -9.29
C LEU A 31 -2.22 -10.77 -8.48
N PHE A 32 -1.33 -9.81 -8.73
CA PHE A 32 -0.01 -9.85 -8.13
C PHE A 32 0.34 -8.60 -7.33
N PHE A 33 -0.55 -7.63 -7.25
CA PHE A 33 -0.18 -6.36 -6.65
C PHE A 33 -1.31 -5.77 -5.84
N GLY A 34 -1.41 -4.46 -5.85
CA GLY A 34 -2.44 -3.78 -5.11
C GLY A 34 -2.20 -2.30 -5.06
N THR A 35 -2.58 -1.66 -3.97
CA THR A 35 -2.42 -0.22 -3.83
C THR A 35 -2.17 0.20 -2.38
N CYS A 36 -1.27 1.17 -2.19
CA CYS A 36 -1.09 1.81 -0.90
C CYS A 36 -2.33 2.61 -0.58
N ILE A 37 -3.11 2.11 0.36
CA ILE A 37 -4.38 2.70 0.72
C ILE A 37 -4.34 3.24 2.14
N ASN A 38 -5.44 3.86 2.53
CA ASN A 38 -5.59 4.40 3.88
C ASN A 38 -6.06 3.32 4.83
N PRO A 39 -5.23 3.02 5.86
CA PRO A 39 -5.52 1.99 6.85
C PRO A 39 -6.89 2.15 7.48
N THR A 40 -7.74 1.14 7.30
CA THR A 40 -9.10 1.11 7.83
C THR A 40 -9.88 2.39 7.46
N GLY A 41 -9.46 3.05 6.40
CA GLY A 41 -10.14 4.23 5.93
C GLY A 41 -11.17 3.90 4.87
N ALA A 1 -2.04 8.63 8.37
CA ALA A 1 -2.71 8.16 7.13
C ALA A 1 -2.23 8.93 5.91
N SER A 2 -1.54 10.05 6.14
CA SER A 2 -1.01 10.86 5.05
C SER A 2 0.23 10.20 4.48
N CYS A 3 0.02 9.07 3.81
CA CYS A 3 1.11 8.31 3.24
C CYS A 3 1.57 8.95 1.94
N PRO A 4 2.89 8.87 1.62
CA PRO A 4 3.48 9.47 0.42
C PRO A 4 2.61 9.28 -0.81
N ASN A 5 2.38 8.03 -1.16
CA ASN A 5 1.68 7.68 -2.37
C ASN A 5 0.42 6.86 -2.07
N VAL A 6 -0.65 7.55 -1.67
CA VAL A 6 -1.92 6.90 -1.47
C VAL A 6 -2.62 6.70 -2.81
N GLY A 7 -3.12 5.50 -3.05
CA GLY A 7 -3.72 5.18 -4.32
C GLY A 7 -2.69 4.70 -5.32
N ALA A 8 -1.51 4.39 -4.82
CA ALA A 8 -0.41 3.96 -5.67
C ALA A 8 -0.25 2.45 -5.64
N VAL A 9 -0.11 1.85 -6.81
CA VAL A 9 0.04 0.41 -6.91
C VAL A 9 1.28 -0.10 -6.18
N CYS A 10 1.04 -0.94 -5.19
CA CYS A 10 2.11 -1.58 -4.45
C CYS A 10 1.97 -3.09 -4.60
N SER A 11 3.06 -3.78 -4.83
CA SER A 11 3.02 -5.24 -4.89
C SER A 11 3.48 -5.78 -3.55
N PRO A 12 2.69 -6.63 -2.88
CA PRO A 12 3.09 -7.23 -1.62
C PRO A 12 4.35 -8.08 -1.75
N PHE A 13 4.76 -8.31 -3.00
CA PHE A 13 5.95 -9.09 -3.30
C PHE A 13 7.19 -8.20 -3.38
N GLU A 14 7.00 -6.89 -3.15
CA GLU A 14 8.11 -5.95 -3.13
C GLU A 14 8.91 -6.15 -1.83
N THR A 15 9.36 -5.06 -1.23
CA THR A 15 10.19 -5.16 -0.06
C THR A 15 9.45 -4.65 1.18
N LYS A 16 8.98 -3.43 1.12
CA LYS A 16 8.33 -2.77 2.26
C LYS A 16 7.00 -2.14 1.89
N PRO A 17 6.13 -2.80 1.08
CA PRO A 17 4.94 -2.16 0.49
C PRO A 17 4.15 -1.33 1.51
N CYS A 18 4.36 -0.01 1.43
CA CYS A 18 3.78 0.96 2.34
C CYS A 18 3.72 0.43 3.78
N GLY A 19 4.84 -0.12 4.24
CA GLY A 19 4.90 -0.73 5.55
C GLY A 19 5.20 0.27 6.65
N ASN A 20 6.47 0.44 6.95
CA ASN A 20 6.91 1.36 7.99
C ASN A 20 6.74 2.81 7.55
N VAL A 21 5.49 3.27 7.60
CA VAL A 21 5.14 4.65 7.28
C VAL A 21 4.00 5.07 8.20
N LYS A 22 3.61 6.33 8.12
CA LYS A 22 2.56 6.87 8.98
C LYS A 22 1.18 6.37 8.57
N ASP A 23 0.89 5.12 8.92
CA ASP A 23 -0.40 4.49 8.68
C ASP A 23 -0.66 4.28 7.19
N CYS A 24 -0.14 3.18 6.67
CA CYS A 24 -0.30 2.82 5.27
C CYS A 24 -0.61 1.34 5.15
N ARG A 25 -1.37 0.97 4.13
CA ARG A 25 -1.67 -0.44 3.88
C ARG A 25 -1.47 -0.75 2.42
N CYS A 26 -0.91 -1.92 2.13
CA CYS A 26 -0.82 -2.37 0.76
C CYS A 26 -1.96 -3.34 0.50
N LEU A 27 -3.03 -2.83 -0.12
CA LEU A 27 -4.18 -3.65 -0.45
C LEU A 27 -3.86 -4.44 -1.70
N PRO A 28 -3.63 -5.75 -1.56
CA PRO A 28 -3.21 -6.60 -2.67
C PRO A 28 -4.38 -7.00 -3.56
N TRP A 29 -4.91 -6.03 -4.30
CA TRP A 29 -5.95 -6.29 -5.27
C TRP A 29 -5.35 -6.64 -6.63
N GLY A 30 -6.18 -7.11 -7.53
CA GLY A 30 -5.69 -7.52 -8.82
C GLY A 30 -5.24 -8.95 -8.77
N LEU A 31 -4.12 -9.25 -9.41
CA LEU A 31 -3.63 -10.61 -9.40
C LEU A 31 -2.35 -10.72 -8.59
N PHE A 32 -1.45 -9.77 -8.78
CA PHE A 32 -0.12 -9.87 -8.18
C PHE A 32 0.26 -8.65 -7.33
N PHE A 33 -0.58 -7.64 -7.27
CA PHE A 33 -0.17 -6.39 -6.65
C PHE A 33 -1.30 -5.79 -5.85
N GLY A 34 -1.41 -4.49 -5.89
CA GLY A 34 -2.45 -3.81 -5.17
C GLY A 34 -2.21 -2.32 -5.14
N THR A 35 -2.66 -1.67 -4.09
CA THR A 35 -2.47 -0.23 -3.96
C THR A 35 -2.25 0.18 -2.50
N CYS A 36 -1.34 1.12 -2.30
CA CYS A 36 -1.17 1.76 -1.03
C CYS A 36 -2.40 2.56 -0.69
N ILE A 37 -3.13 2.09 0.29
CA ILE A 37 -4.38 2.68 0.69
C ILE A 37 -4.30 3.20 2.12
N ASN A 38 -5.39 3.80 2.57
CA ASN A 38 -5.50 4.30 3.93
C ASN A 38 -6.13 3.25 4.83
N PRO A 39 -5.45 2.93 5.96
CA PRO A 39 -5.94 1.92 6.92
C PRO A 39 -7.36 2.18 7.38
N THR A 40 -8.24 1.23 7.11
CA THR A 40 -9.66 1.32 7.45
C THR A 40 -10.27 2.65 7.00
N GLY A 41 -9.69 3.26 5.98
CA GLY A 41 -10.20 4.49 5.45
C GLY A 41 -9.87 4.64 3.98
N ALA A 1 -1.81 7.22 8.35
CA ALA A 1 -2.51 7.68 7.14
C ALA A 1 -1.72 8.82 6.49
N SER A 2 -2.26 9.38 5.41
CA SER A 2 -1.58 10.41 4.64
C SER A 2 -0.25 9.88 4.12
N CYS A 3 -0.32 8.90 3.24
CA CYS A 3 0.87 8.26 2.71
C CYS A 3 1.45 9.07 1.56
N PRO A 4 2.75 8.90 1.27
CA PRO A 4 3.39 9.54 0.11
C PRO A 4 2.56 9.36 -1.15
N ASN A 5 2.24 8.11 -1.43
CA ASN A 5 1.49 7.74 -2.60
C ASN A 5 0.24 6.94 -2.22
N VAL A 6 -0.83 7.63 -1.89
CA VAL A 6 -2.11 6.97 -1.59
C VAL A 6 -2.83 6.64 -2.90
N GLY A 7 -3.30 5.40 -3.01
CA GLY A 7 -3.92 4.96 -4.23
C GLY A 7 -2.90 4.54 -5.26
N ALA A 8 -1.68 4.33 -4.80
CA ALA A 8 -0.58 3.96 -5.68
C ALA A 8 -0.34 2.46 -5.64
N VAL A 9 -0.21 1.86 -6.80
CA VAL A 9 -0.02 0.42 -6.91
C VAL A 9 1.24 -0.05 -6.17
N CYS A 10 1.03 -0.94 -5.22
CA CYS A 10 2.10 -1.58 -4.48
C CYS A 10 1.94 -3.08 -4.60
N SER A 11 3.02 -3.79 -4.77
CA SER A 11 2.95 -5.24 -4.84
C SER A 11 3.41 -5.80 -3.51
N PRO A 12 2.63 -6.68 -2.86
CA PRO A 12 3.04 -7.32 -1.62
C PRO A 12 4.31 -8.15 -1.81
N PHE A 13 4.72 -8.30 -3.08
CA PHE A 13 5.95 -9.01 -3.41
C PHE A 13 7.14 -8.06 -3.49
N GLU A 14 6.93 -6.80 -3.13
CA GLU A 14 8.01 -5.83 -3.05
C GLU A 14 8.78 -6.04 -1.73
N THR A 15 9.28 -4.96 -1.16
CA THR A 15 10.07 -5.06 0.04
C THR A 15 9.32 -4.52 1.26
N LYS A 16 8.84 -3.30 1.17
CA LYS A 16 8.16 -2.65 2.29
C LYS A 16 6.82 -2.00 1.89
N PRO A 17 5.97 -2.68 1.06
CA PRO A 17 4.73 -2.09 0.54
C PRO A 17 3.92 -1.35 1.60
N CYS A 18 3.94 -0.02 1.51
CA CYS A 18 3.25 0.85 2.47
C CYS A 18 3.55 0.42 3.92
N GLY A 19 4.76 -0.12 4.13
CA GLY A 19 5.11 -0.72 5.39
C GLY A 19 5.61 0.27 6.42
N ASN A 20 6.93 0.33 6.56
CA ASN A 20 7.57 1.27 7.48
C ASN A 20 7.43 2.70 6.95
N VAL A 21 6.23 3.23 7.14
CA VAL A 21 5.87 4.55 6.65
C VAL A 21 4.82 5.14 7.58
N LYS A 22 4.23 6.26 7.18
CA LYS A 22 3.25 6.97 7.99
C LYS A 22 1.89 6.24 8.06
N ASP A 23 1.92 4.98 8.50
CA ASP A 23 0.69 4.18 8.69
C ASP A 23 -0.07 4.00 7.37
N CYS A 24 0.25 2.91 6.67
CA CYS A 24 -0.30 2.65 5.34
C CYS A 24 -0.52 1.15 5.15
N ARG A 25 -1.36 0.79 4.19
CA ARG A 25 -1.66 -0.61 3.93
C ARG A 25 -1.54 -0.89 2.44
N CYS A 26 -0.91 -2.00 2.10
CA CYS A 26 -0.85 -2.43 0.72
C CYS A 26 -2.01 -3.36 0.45
N LEU A 27 -3.07 -2.83 -0.15
CA LEU A 27 -4.25 -3.62 -0.48
C LEU A 27 -3.94 -4.43 -1.72
N PRO A 28 -3.72 -5.74 -1.58
CA PRO A 28 -3.29 -6.60 -2.68
C PRO A 28 -4.45 -6.99 -3.59
N TRP A 29 -4.92 -6.02 -4.38
CA TRP A 29 -5.94 -6.28 -5.38
C TRP A 29 -5.30 -6.66 -6.72
N GLY A 30 -6.12 -7.14 -7.63
CA GLY A 30 -5.61 -7.58 -8.91
C GLY A 30 -5.17 -9.02 -8.85
N LEU A 31 -3.95 -9.30 -9.28
CA LEU A 31 -3.46 -10.68 -9.23
C LEU A 31 -2.23 -10.77 -8.33
N PHE A 32 -1.32 -9.82 -8.49
CA PHE A 32 -0.03 -9.88 -7.81
C PHE A 32 0.25 -8.64 -6.98
N PHE A 33 -0.54 -7.60 -7.15
CA PHE A 33 -0.16 -6.31 -6.60
C PHE A 33 -1.30 -5.71 -5.81
N GLY A 34 -1.40 -4.40 -5.85
CA GLY A 34 -2.43 -3.73 -5.10
C GLY A 34 -2.18 -2.25 -5.04
N THR A 35 -2.60 -1.60 -3.96
CA THR A 35 -2.42 -0.16 -3.82
C THR A 35 -2.16 0.25 -2.38
N CYS A 36 -1.21 1.17 -2.19
CA CYS A 36 -1.02 1.84 -0.90
C CYS A 36 -2.25 2.65 -0.57
N ILE A 37 -3.02 2.14 0.36
CA ILE A 37 -4.29 2.72 0.72
C ILE A 37 -4.25 3.28 2.14
N ASN A 38 -5.36 3.89 2.52
CA ASN A 38 -5.55 4.40 3.87
C ASN A 38 -6.08 3.29 4.77
N PRO A 39 -5.30 2.89 5.79
CA PRO A 39 -5.64 1.75 6.66
C PRO A 39 -7.06 1.80 7.20
N THR A 40 -7.84 0.79 6.83
CA THR A 40 -9.25 0.64 7.23
C THR A 40 -10.08 1.92 7.05
N GLY A 41 -9.61 2.82 6.22
CA GLY A 41 -10.35 4.04 5.95
C GLY A 41 -9.51 5.27 6.15
#